data_7SSR
#
_entry.id   7SSR
#
_cell.length_a   114.070
_cell.length_b   114.070
_cell.length_c   308.090
_cell.angle_alpha   90.000
_cell.angle_beta   90.000
_cell.angle_gamma   120.000
#
_symmetry.space_group_name_H-M   'H 3 2'
#
loop_
_entity.id
_entity.type
_entity.pdbx_description
1 polymer GP1
2 polymer GP2
3 branched alpha-D-mannopyranose-(1-6)-beta-D-mannopyranose-(1-4)-2-acetamido-2-deoxy-beta-D-glucopyranose-(1-4)-2-acetamido-2-deoxy-beta-D-glucopyranose
4 non-polymer 2-acetamido-2-deoxy-beta-D-glucopyranose
5 non-polymer 1,2-ETHANEDIOL
6 non-polymer 'ACETATE ION'
7 non-polymer (1R,2s,3S,5s,7s)-N-[(1r,4r)-4-(aminomethyl)cyclohexyl]-5-phenyladamantane-2-carboxamide
8 water water
#
loop_
_entity_poly.entity_id
_entity_poly.type
_entity_poly.pdbx_seq_one_letter_code
_entity_poly.pdbx_strand_id
1 'polypeptide(L)'
;ETGRSIPLGVIHNSALQVSDVDKLVCRDKLSSTNQLRSVGLNLEGNGVATDVPSATKRWGFRSGVPPKVVNYEAGEWAEN
CYNLEIKKPDGSECLPAAPDGIRGFPRCRYVHKVSGTGPCAGDFAFHKEGAFFLYDRLASTVIYRGTTFAEGVVAFLILP
QAKKDFFSSHPLREPVNATEDPSSGYYSTTIRYQATGFGTNETEYLFEVDNLTYVQLESRFTPQFLLQLNETIYTSGKRS
NTTGKLIWKVNPEIDTTIGEWAFWETKKNLTRKIRSEELSFTVVSTHHQDTGEESASSGKLGLITNTIAGVAGLITGGRR
TRR(UNK)(UNK)(UNK)(UNK)(UNK)(UNK)
;
A
2 'polypeptide(L)'
;EAIVNAQPKCNPNLHYWTTQDEGAAIGLAWIPYFGPAAEGIYIEGLMHNQDGLICGLRQLANETTQALQLFLRATTELRT
FSILNRKAIDFLLQRWGGTCHILGPDCCIEPADWTKNITDKIDQIIHDFVDGSGYIPEAPRDGQAYVRKDGEWVLLSTFL
GTHHHHHH
;
B
#
# COMPACT_ATOMS: atom_id res chain seq x y z
N SER A 5 -6.57 -12.65 15.70
CA SER A 5 -5.85 -11.44 16.07
C SER A 5 -5.70 -10.46 14.91
N ILE A 6 -5.52 -10.94 13.67
CA ILE A 6 -5.49 -9.98 12.58
C ILE A 6 -6.89 -9.42 12.40
N PRO A 7 -7.08 -8.11 12.55
CA PRO A 7 -8.44 -7.56 12.45
C PRO A 7 -9.05 -7.80 11.09
N LEU A 8 -10.36 -8.03 11.08
CA LEU A 8 -11.13 -8.16 9.85
C LEU A 8 -12.20 -7.09 9.81
N GLY A 9 -12.18 -6.28 8.75
CA GLY A 9 -13.16 -5.22 8.62
C GLY A 9 -14.48 -5.75 8.10
N VAL A 10 -15.57 -5.25 8.68
CA VAL A 10 -16.92 -5.64 8.30
C VAL A 10 -17.81 -4.43 8.47
N ILE A 11 -18.83 -4.33 7.62
CA ILE A 11 -19.77 -3.20 7.63
C ILE A 11 -21.01 -3.59 8.43
N HIS A 12 -21.25 -2.88 9.54
CA HIS A 12 -22.51 -2.96 10.28
C HIS A 12 -23.04 -1.54 10.51
N ASN A 13 -24.35 -1.35 10.33
CA ASN A 13 -25.02 -0.10 10.68
C ASN A 13 -24.43 1.10 9.92
N SER A 14 -24.16 0.90 8.63
CA SER A 14 -23.63 1.95 7.76
C SER A 14 -22.28 2.44 8.27
N ALA A 15 -21.49 1.52 8.83
CA ALA A 15 -20.21 1.89 9.42
C ALA A 15 -19.25 0.72 9.32
N LEU A 16 -18.03 1.00 8.87
CA LEU A 16 -16.98 -0.01 8.90
C LEU A 16 -16.52 -0.24 10.32
N GLN A 17 -16.35 -1.50 10.69
CA GLN A 17 -15.95 -1.87 12.04
CA GLN A 17 -15.91 -1.84 12.02
C GLN A 17 -15.03 -3.08 11.98
N VAL A 18 -14.34 -3.32 13.09
CA VAL A 18 -13.53 -4.51 13.26
C VAL A 18 -14.44 -5.61 13.81
N SER A 19 -14.36 -6.80 13.20
CA SER A 19 -15.19 -7.92 13.61
C SER A 19 -14.77 -8.43 15.00
N ASP A 20 -15.74 -8.60 15.90
CA ASP A 20 -15.47 -9.10 17.24
CA ASP A 20 -15.46 -9.10 17.24
C ASP A 20 -15.22 -10.60 17.16
N VAL A 21 -13.98 -11.02 17.43
CA VAL A 21 -13.62 -12.44 17.34
C VAL A 21 -14.37 -13.27 18.37
N ASP A 22 -14.80 -12.65 19.48
CA ASP A 22 -15.50 -13.34 20.55
C ASP A 22 -17.02 -13.38 20.37
N LYS A 23 -17.56 -12.62 19.42
CA LYS A 23 -19.00 -12.53 19.22
C LYS A 23 -19.35 -13.02 17.83
N LEU A 24 -20.19 -14.05 17.78
CA LEU A 24 -20.68 -14.62 16.53
C LEU A 24 -21.87 -13.82 16.03
N VAL A 25 -21.80 -13.32 14.80
CA VAL A 25 -22.92 -12.65 14.16
C VAL A 25 -23.44 -13.61 13.09
N CYS A 26 -24.47 -14.39 13.42
CA CYS A 26 -25.08 -15.29 12.46
C CYS A 26 -25.68 -14.55 11.27
N ARG A 27 -26.00 -13.27 11.43
CA ARG A 27 -26.52 -12.50 10.31
C ARG A 27 -25.47 -12.30 9.23
N ASP A 28 -24.20 -12.19 9.61
CA ASP A 28 -23.13 -12.05 8.64
C ASP A 28 -23.14 -13.23 7.67
N LYS A 29 -23.02 -12.94 6.37
CA LYS A 29 -23.02 -13.98 5.36
C LYS A 29 -21.72 -13.93 4.55
N LEU A 30 -21.01 -15.05 4.50
CA LEU A 30 -19.84 -15.23 3.63
C LEU A 30 -20.16 -16.39 2.69
N SER A 31 -20.50 -16.07 1.44
CA SER A 31 -20.93 -17.11 0.51
C SER A 31 -19.83 -17.60 -0.42
N SER A 32 -18.71 -16.89 -0.51
CA SER A 32 -17.52 -17.41 -1.18
C SER A 32 -16.29 -16.65 -0.72
N THR A 33 -15.12 -17.21 -1.01
CA THR A 33 -13.87 -16.51 -0.74
C THR A 33 -13.75 -15.22 -1.53
N ASN A 34 -14.57 -15.00 -2.55
CA ASN A 34 -14.50 -13.74 -3.30
C ASN A 34 -14.92 -12.56 -2.44
N GLN A 35 -15.75 -12.77 -1.43
CA GLN A 35 -16.19 -11.68 -0.57
C GLN A 35 -15.07 -11.18 0.34
N LEU A 36 -14.01 -11.96 0.50
CA LEU A 36 -12.87 -11.55 1.32
C LEU A 36 -11.91 -10.80 0.42
N ARG A 37 -11.40 -9.67 0.90
CA ARG A 37 -10.50 -8.83 0.11
C ARG A 37 -9.42 -8.24 1.01
N SER A 38 -8.23 -8.12 0.46
CA SER A 38 -7.10 -7.46 1.09
C SER A 38 -6.77 -6.20 0.28
N VAL A 39 -6.57 -5.08 0.98
CA VAL A 39 -6.37 -3.78 0.35
C VAL A 39 -5.13 -3.12 0.93
N GLY A 40 -4.35 -2.45 0.08
CA GLY A 40 -3.22 -1.67 0.51
C GLY A 40 -3.56 -0.19 0.39
N LEU A 41 -3.43 0.51 1.52
CA LEU A 41 -3.72 1.94 1.60
C LEU A 41 -2.40 2.71 1.74
N ASN A 42 -2.30 3.85 1.07
CA ASN A 42 -1.03 4.59 1.03
C ASN A 42 -0.91 5.52 2.23
N LEU A 43 0.27 5.53 2.85
CA LEU A 43 0.54 6.47 3.94
C LEU A 43 0.22 7.91 3.53
N GLU A 44 0.52 8.25 2.26
CA GLU A 44 0.07 9.51 1.65
C GLU A 44 -1.32 9.93 2.13
N GLY A 45 -2.27 8.99 2.06
CA GLY A 45 -3.66 9.32 2.31
C GLY A 45 -3.96 9.68 3.74
N ASN A 46 -3.00 9.51 4.65
CA ASN A 46 -3.13 9.90 6.06
C ASN A 46 -2.46 11.22 6.37
N GLY A 47 -1.81 11.84 5.39
CA GLY A 47 -1.22 13.15 5.59
C GLY A 47 0.26 13.19 5.86
N VAL A 48 0.99 12.09 5.69
CA VAL A 48 2.42 12.11 5.95
C VAL A 48 3.15 12.91 4.88
N ALA A 49 4.22 13.61 5.29
CA ALA A 49 5.06 14.31 4.34
C ALA A 49 5.68 13.33 3.35
N THR A 50 5.72 13.71 2.08
CA THR A 50 6.12 12.82 1.01
C THR A 50 7.35 13.30 0.25
N ASP A 51 7.85 14.51 0.53
CA ASP A 51 9.13 14.92 -0.01
C ASP A 51 10.22 13.91 0.34
N VAL A 52 11.21 13.79 -0.54
CA VAL A 52 12.27 12.81 -0.33
C VAL A 52 12.97 12.98 1.02
N PRO A 53 13.38 14.18 1.44
CA PRO A 53 14.01 14.30 2.78
C PRO A 53 13.16 13.77 3.92
N SER A 54 11.85 14.04 3.90
CA SER A 54 11.00 13.60 4.99
C SER A 54 10.74 12.11 4.91
N ALA A 55 10.57 11.59 3.70
CA ALA A 55 10.21 10.17 3.54
C ALA A 55 11.37 9.27 3.92
N THR A 56 12.58 9.60 3.47
CA THR A 56 13.72 8.72 3.74
C THR A 56 14.06 8.65 5.22
N LYS A 57 13.82 9.72 5.98
CA LYS A 57 14.04 9.64 7.42
C LYS A 57 13.15 8.61 8.11
N ARG A 58 12.11 8.11 7.43
CA ARG A 58 11.27 7.06 7.98
C ARG A 58 11.82 5.67 7.76
N TRP A 59 12.94 5.51 7.02
CA TRP A 59 13.49 4.21 6.71
C TRP A 59 14.87 4.06 7.35
N GLY A 60 15.22 2.83 7.74
CA GLY A 60 16.50 2.58 8.37
C GLY A 60 16.94 1.14 8.23
N PHE A 61 18.24 0.93 8.42
CA PHE A 61 18.89 -0.36 8.21
C PHE A 61 19.02 -1.16 9.50
N ARG A 62 18.81 -2.46 9.39
CA ARG A 62 18.78 -3.35 10.55
C ARG A 62 19.22 -4.74 10.12
N SER A 63 20.03 -5.39 10.96
CA SER A 63 20.38 -6.78 10.75
C SER A 63 19.67 -7.69 11.74
N GLY A 64 19.62 -8.97 11.42
CA GLY A 64 19.09 -9.95 12.34
C GLY A 64 17.63 -10.25 12.17
N VAL A 65 16.92 -9.51 11.32
CA VAL A 65 15.49 -9.70 11.11
C VAL A 65 15.22 -10.20 9.70
N PRO A 66 14.75 -11.42 9.52
CA PRO A 66 14.45 -11.93 8.15
C PRO A 66 13.34 -11.12 7.51
N PRO A 67 13.48 -10.76 6.25
CA PRO A 67 12.40 -10.04 5.56
C PRO A 67 11.17 -10.92 5.42
N LYS A 68 10.01 -10.26 5.31
CA LYS A 68 8.76 -10.96 5.12
C LYS A 68 7.91 -10.22 4.10
N VAL A 69 7.11 -10.99 3.36
CA VAL A 69 6.27 -10.52 2.27
C VAL A 69 4.87 -11.10 2.47
N VAL A 70 3.85 -10.26 2.25
CA VAL A 70 2.45 -10.69 2.26
C VAL A 70 1.77 -10.08 1.03
N ASN A 71 0.81 -10.81 0.44
CA ASN A 71 0.20 -10.27 -0.76
C ASN A 71 -1.01 -9.41 -0.39
N TYR A 72 -1.41 -8.53 -1.32
CA TYR A 72 -2.65 -7.79 -1.23
C TYR A 72 -3.22 -7.68 -2.64
N GLU A 73 -4.54 -7.47 -2.73
CA GLU A 73 -5.23 -7.66 -4.00
C GLU A 73 -5.59 -6.38 -4.72
N ALA A 74 -5.87 -5.31 -3.97
CA ALA A 74 -6.23 -4.03 -4.53
C ALA A 74 -5.39 -2.98 -3.85
N GLY A 75 -5.07 -1.91 -4.58
CA GLY A 75 -4.22 -0.85 -4.08
C GLY A 75 -4.77 0.50 -4.44
N GLU A 76 -4.05 1.53 -4.03
CA GLU A 76 -4.47 2.92 -4.25
C GLU A 76 -3.48 3.60 -5.18
N TRP A 77 -4.01 4.33 -6.17
CA TRP A 77 -3.16 5.16 -7.01
C TRP A 77 -2.38 6.14 -6.15
N ALA A 78 -1.05 6.13 -6.31
CA ALA A 78 -0.18 6.95 -5.49
C ALA A 78 0.19 8.23 -6.23
N GLU A 79 0.27 9.33 -5.48
CA GLU A 79 0.90 10.53 -6.00
C GLU A 79 2.42 10.42 -5.95
N ASN A 80 2.96 9.85 -4.86
CA ASN A 80 4.39 9.74 -4.65
C ASN A 80 4.78 8.28 -4.45
N CYS A 81 5.76 7.82 -5.22
CA CYS A 81 6.46 6.57 -4.97
C CYS A 81 7.96 6.82 -4.98
N TYR A 82 8.73 5.82 -4.59
CA TYR A 82 10.17 5.98 -4.46
C TYR A 82 10.88 4.77 -5.06
N ASN A 83 12.11 5.01 -5.51
CA ASN A 83 12.91 3.99 -6.20
C ASN A 83 14.36 4.27 -5.85
N LEU A 84 15.02 3.37 -5.11
CA LEU A 84 16.30 3.65 -4.47
C LEU A 84 17.42 2.82 -5.08
N GLU A 85 18.53 3.48 -5.41
CA GLU A 85 19.81 2.88 -5.80
C GLU A 85 20.87 3.44 -4.86
N ILE A 86 21.12 2.76 -3.74
CA ILE A 86 22.03 3.24 -2.70
C ILE A 86 23.21 2.28 -2.61
N LYS A 87 24.42 2.84 -2.60
CA LYS A 87 25.63 2.06 -2.41
C LYS A 87 26.39 2.58 -1.20
N LYS A 88 27.28 1.75 -0.68
CA LYS A 88 28.22 2.24 0.30
C LYS A 88 29.32 3.02 -0.40
N PRO A 89 30.09 3.85 0.34
CA PRO A 89 31.19 4.61 -0.29
C PRO A 89 32.17 3.76 -1.07
N ASP A 90 32.28 2.47 -0.72
CA ASP A 90 33.16 1.55 -1.43
C ASP A 90 32.45 0.85 -2.59
N GLY A 91 31.24 1.27 -2.96
CA GLY A 91 30.61 0.81 -4.17
C GLY A 91 29.79 -0.47 -4.06
N SER A 92 29.78 -1.12 -2.90
CA SER A 92 28.95 -2.30 -2.71
C SER A 92 27.49 -1.89 -2.50
N GLU A 93 26.59 -2.73 -3.01
CA GLU A 93 25.16 -2.40 -2.96
C GLU A 93 24.63 -2.47 -1.54
N CYS A 94 23.71 -1.55 -1.22
CA CYS A 94 23.07 -1.52 0.09
C CYS A 94 21.75 -2.27 0.13
N LEU A 95 21.12 -2.47 -1.01
CA LEU A 95 19.80 -3.05 -1.08
C LEU A 95 19.85 -4.30 -1.95
N PRO A 96 19.03 -5.30 -1.65
CA PRO A 96 19.05 -6.54 -2.44
C PRO A 96 18.25 -6.37 -3.72
N ALA A 97 18.69 -7.10 -4.76
CA ALA A 97 17.89 -7.18 -5.96
C ALA A 97 16.49 -7.68 -5.64
N ALA A 98 15.51 -7.15 -6.35
CA ALA A 98 14.13 -7.60 -6.19
C ALA A 98 14.04 -9.11 -6.40
N PRO A 99 13.45 -9.85 -5.47
CA PRO A 99 13.19 -11.28 -5.71
C PRO A 99 12.31 -11.49 -6.93
N ASP A 100 12.44 -12.68 -7.52
CA ASP A 100 11.59 -13.09 -8.63
C ASP A 100 10.12 -12.88 -8.30
N GLY A 101 9.42 -12.18 -9.18
CA GLY A 101 7.99 -11.96 -9.02
C GLY A 101 7.60 -10.70 -8.26
N ILE A 102 8.57 -9.92 -7.79
CA ILE A 102 8.27 -8.66 -7.13
C ILE A 102 8.59 -7.53 -8.13
N ARG A 103 7.54 -6.88 -8.61
CA ARG A 103 7.59 -5.76 -9.54
C ARG A 103 7.20 -4.48 -8.82
N GLY A 104 7.43 -3.36 -9.49
CA GLY A 104 7.20 -2.07 -8.84
C GLY A 104 5.72 -1.76 -8.68
N PHE A 105 5.45 -0.83 -7.77
CA PHE A 105 4.08 -0.38 -7.55
C PHE A 105 3.49 0.15 -8.84
N PRO A 106 2.29 -0.28 -9.24
CA PRO A 106 1.83 -0.06 -10.62
C PRO A 106 1.28 1.33 -10.94
N ARG A 107 0.95 2.17 -9.96
CA ARG A 107 0.30 3.46 -10.24
C ARG A 107 0.98 4.55 -9.40
N CYS A 108 1.87 5.32 -10.04
CA CYS A 108 2.64 6.37 -9.39
C CYS A 108 2.62 7.63 -10.25
N ARG A 109 2.11 8.73 -9.71
CA ARG A 109 2.19 9.99 -10.46
C ARG A 109 3.63 10.46 -10.59
N TYR A 110 4.40 10.37 -9.50
CA TYR A 110 5.78 10.78 -9.47
C TYR A 110 6.59 9.66 -8.84
N VAL A 111 7.61 9.20 -9.55
CA VAL A 111 8.55 8.23 -9.02
C VAL A 111 9.79 9.02 -8.64
N HIS A 112 10.11 9.06 -7.35
CA HIS A 112 11.31 9.76 -6.88
C HIS A 112 12.45 8.74 -6.89
N LYS A 113 13.33 8.85 -7.89
CA LYS A 113 14.46 7.94 -8.01
C LYS A 113 15.66 8.58 -7.33
N VAL A 114 16.19 7.91 -6.32
CA VAL A 114 17.27 8.44 -5.49
C VAL A 114 18.48 7.54 -5.66
N SER A 115 19.57 8.11 -6.14
CA SER A 115 20.86 7.44 -6.23
C SER A 115 21.84 8.10 -5.28
N GLY A 116 22.76 7.31 -4.74
CA GLY A 116 23.78 7.92 -3.92
C GLY A 116 24.35 6.92 -2.93
N THR A 117 24.89 7.46 -1.85
CA THR A 117 25.67 6.68 -0.91
C THR A 117 25.23 6.96 0.52
N GLY A 118 25.44 5.97 1.37
CA GLY A 118 25.27 6.10 2.80
C GLY A 118 26.09 5.02 3.46
N PRO A 119 26.18 5.03 4.79
CA PRO A 119 26.92 3.96 5.47
C PRO A 119 26.16 2.64 5.51
N CYS A 120 24.83 2.65 5.42
CA CYS A 120 24.01 1.43 5.32
C CYS A 120 24.36 0.41 6.40
N ALA A 121 24.16 0.81 7.65
CA ALA A 121 24.64 0.03 8.80
C ALA A 121 23.62 -1.06 9.19
N GLY A 122 23.33 -1.95 8.25
CA GLY A 122 22.42 -3.05 8.48
C GLY A 122 22.07 -3.81 7.22
N ASP A 123 21.64 -5.08 7.38
CA ASP A 123 21.48 -5.96 6.23
C ASP A 123 20.29 -5.61 5.35
N PHE A 124 19.22 -5.08 5.93
CA PHE A 124 18.05 -4.68 5.17
C PHE A 124 17.54 -3.35 5.68
N ALA A 125 16.79 -2.66 4.82
CA ALA A 125 16.22 -1.36 5.15
C ALA A 125 14.73 -1.57 5.47
N PHE A 126 14.32 -1.19 6.68
CA PHE A 126 12.98 -1.38 7.19
C PHE A 126 12.30 -0.02 7.37
N HIS A 127 10.97 -0.05 7.52
CA HIS A 127 10.20 1.16 7.83
C HIS A 127 10.22 1.38 9.34
N LYS A 128 10.74 2.53 9.78
CA LYS A 128 10.92 2.75 11.21
C LYS A 128 9.60 2.88 11.96
N GLU A 129 8.48 3.10 11.27
CA GLU A 129 7.17 3.18 11.92
C GLU A 129 6.37 1.90 11.80
N GLY A 130 6.91 0.87 11.18
CA GLY A 130 6.24 -0.41 11.09
C GLY A 130 5.41 -0.61 9.84
N ALA A 131 5.33 0.40 8.98
CA ALA A 131 4.56 0.29 7.76
C ALA A 131 5.26 -0.67 6.80
N PHE A 132 4.62 -0.89 5.65
CA PHE A 132 5.13 -1.79 4.64
C PHE A 132 5.63 -1.01 3.43
N PHE A 133 6.46 -1.66 2.64
CA PHE A 133 6.78 -1.16 1.32
C PHE A 133 5.92 -1.92 0.33
N LEU A 134 5.02 -1.19 -0.34
CA LEU A 134 4.05 -1.80 -1.22
C LEU A 134 4.63 -1.85 -2.64
N TYR A 135 4.66 -3.05 -3.21
CA TYR A 135 5.07 -3.28 -4.57
C TYR A 135 3.84 -3.75 -5.37
N ASP A 136 4.07 -4.49 -6.45
CA ASP A 136 2.97 -4.98 -7.26
C ASP A 136 2.21 -6.11 -6.57
N ARG A 137 1.19 -5.76 -5.77
CA ARG A 137 0.33 -6.72 -5.07
C ARG A 137 1.10 -7.60 -4.10
N LEU A 138 2.26 -7.13 -3.66
CA LEU A 138 3.07 -7.77 -2.65
C LEU A 138 3.61 -6.67 -1.77
N ALA A 139 3.35 -6.78 -0.47
CA ALA A 139 3.86 -5.85 0.53
C ALA A 139 5.04 -6.49 1.24
N SER A 140 6.14 -5.75 1.35
CA SER A 140 7.34 -6.28 1.99
C SER A 140 7.73 -5.44 3.19
N THR A 141 8.40 -6.10 4.14
CA THR A 141 8.93 -5.34 5.27
C THR A 141 10.22 -4.61 4.92
N VAL A 142 10.81 -4.84 3.73
CA VAL A 142 12.09 -4.24 3.38
C VAL A 142 12.05 -3.62 1.99
N ILE A 143 13.10 -2.83 1.70
CA ILE A 143 13.24 -2.09 0.45
C ILE A 143 14.13 -2.89 -0.49
N TYR A 144 13.71 -3.05 -1.74
CA TYR A 144 14.52 -3.72 -2.74
C TYR A 144 15.15 -2.72 -3.69
N ARG A 145 16.36 -3.04 -4.13
CA ARG A 145 17.12 -2.16 -5.02
C ARG A 145 16.33 -1.86 -6.29
N GLY A 146 16.31 -0.57 -6.66
CA GLY A 146 15.85 -0.17 -7.98
C GLY A 146 14.41 -0.54 -8.31
N THR A 147 13.54 -0.63 -7.30
CA THR A 147 12.19 -1.13 -7.46
C THR A 147 11.22 -0.12 -6.86
N THR A 148 10.29 0.38 -7.68
CA THR A 148 9.37 1.42 -7.23
C THR A 148 8.39 0.88 -6.18
N PHE A 149 8.27 1.60 -5.07
CA PHE A 149 7.35 1.24 -4.00
C PHE A 149 6.60 2.47 -3.52
N ALA A 150 5.47 2.22 -2.87
CA ALA A 150 4.74 3.21 -2.10
C ALA A 150 4.74 2.76 -0.64
N GLU A 151 4.81 3.71 0.28
CA GLU A 151 4.63 3.40 1.69
C GLU A 151 3.16 3.16 1.98
N GLY A 152 2.86 2.04 2.63
CA GLY A 152 1.46 1.78 2.92
C GLY A 152 1.27 0.72 3.98
N VAL A 153 -0.02 0.43 4.23
CA VAL A 153 -0.47 -0.54 5.22
C VAL A 153 -1.63 -1.33 4.62
N VAL A 154 -1.86 -2.54 5.16
CA VAL A 154 -2.80 -3.51 4.60
C VAL A 154 -4.02 -3.69 5.51
N ALA A 155 -5.21 -3.71 4.90
CA ALA A 155 -6.45 -4.05 5.58
C ALA A 155 -7.04 -5.31 4.97
N PHE A 156 -7.82 -6.03 5.78
CA PHE A 156 -8.56 -7.22 5.34
C PHE A 156 -10.03 -6.99 5.62
N LEU A 157 -10.88 -7.39 4.66
CA LEU A 157 -12.29 -7.02 4.70
C LEU A 157 -13.15 -8.18 4.24
N ILE A 158 -14.39 -8.16 4.73
CA ILE A 158 -15.45 -8.98 4.20
CA ILE A 158 -15.47 -8.99 4.22
C ILE A 158 -16.48 -8.03 3.58
N LEU A 159 -16.57 -8.04 2.25
CA LEU A 159 -17.53 -7.19 1.56
C LEU A 159 -18.94 -7.71 1.78
N PRO A 160 -19.95 -6.83 1.72
CA PRO A 160 -21.33 -7.33 1.71
C PRO A 160 -21.63 -8.07 0.41
N GLN A 161 -22.53 -9.04 0.49
CA GLN A 161 -22.88 -9.90 -0.66
C GLN A 161 -23.41 -9.10 -1.84
N GLY A 185 -6.31 8.94 -18.21
CA GLY A 185 -5.44 7.78 -18.23
C GLY A 185 -4.38 7.82 -17.14
N TYR A 186 -3.32 7.03 -17.32
CA TYR A 186 -2.27 6.89 -16.32
C TYR A 186 -0.96 7.49 -16.84
N TYR A 187 -0.50 8.55 -16.17
CA TYR A 187 0.75 9.21 -16.49
C TYR A 187 1.69 9.09 -15.30
N SER A 188 2.95 8.81 -15.57
CA SER A 188 3.96 8.72 -14.53
C SER A 188 5.18 9.54 -14.94
N THR A 189 5.86 10.09 -13.94
CA THR A 189 7.01 10.95 -14.20
C THR A 189 8.09 10.64 -13.18
N THR A 190 9.31 10.44 -13.67
CA THR A 190 10.42 10.09 -12.80
C THR A 190 11.19 11.35 -12.45
N ILE A 191 11.46 11.53 -11.16
CA ILE A 191 12.22 12.66 -10.65
C ILE A 191 13.48 12.09 -10.01
N ARG A 192 14.63 12.48 -10.54
CA ARG A 192 15.91 11.91 -10.13
C ARG A 192 16.59 12.80 -9.10
N TYR A 193 17.24 12.17 -8.12
CA TYR A 193 17.96 12.87 -7.07
C TYR A 193 19.27 12.16 -6.80
N GLN A 194 20.24 12.90 -6.28
CA GLN A 194 21.46 12.33 -5.75
CA GLN A 194 21.49 12.35 -5.75
C GLN A 194 21.53 12.57 -4.25
N ALA A 195 22.11 11.61 -3.53
CA ALA A 195 22.17 11.65 -2.08
C ALA A 195 23.55 11.30 -1.58
N THR A 196 23.97 11.97 -0.50
CA THR A 196 25.11 11.56 0.29
C THR A 196 24.66 11.41 1.74
N GLY A 197 25.35 10.55 2.48
CA GLY A 197 24.94 10.29 3.85
C GLY A 197 23.53 9.76 3.98
N PHE A 198 23.08 8.98 2.99
CA PHE A 198 21.74 8.43 3.02
C PHE A 198 21.53 7.58 4.27
N GLY A 199 20.36 7.75 4.89
CA GLY A 199 20.02 6.98 6.07
C GLY A 199 20.64 7.47 7.37
N THR A 200 21.05 8.73 7.44
CA THR A 200 21.65 9.27 8.65
C THR A 200 21.01 10.60 8.98
N ASN A 201 21.54 11.23 10.03
CA ASN A 201 21.07 12.55 10.43
C ASN A 201 21.40 13.60 9.37
N GLU A 202 22.60 13.54 8.80
CA GLU A 202 23.12 14.60 7.94
C GLU A 202 23.14 14.16 6.48
N THR A 203 21.94 13.90 5.95
CA THR A 203 21.77 13.49 4.56
C THR A 203 21.62 14.73 3.70
N GLU A 204 22.36 14.78 2.60
CA GLU A 204 22.29 15.87 1.64
C GLU A 204 21.72 15.35 0.32
N TYR A 205 20.77 16.10 -0.24
CA TYR A 205 20.05 15.71 -1.43
C TYR A 205 20.17 16.78 -2.50
N LEU A 206 20.36 16.35 -3.75
CA LEU A 206 20.35 17.22 -4.91
C LEU A 206 19.30 16.73 -5.89
N PHE A 207 18.54 17.66 -6.46
CA PHE A 207 17.65 17.35 -7.57
C PHE A 207 18.42 17.50 -8.88
N GLU A 208 18.33 16.49 -9.75
CA GLU A 208 19.15 16.39 -10.95
C GLU A 208 18.41 16.92 -12.18
N VAL A 209 18.96 17.95 -12.80
CA VAL A 209 18.39 18.52 -14.02
C VAL A 209 18.99 17.86 -15.26
N ASP A 210 20.31 17.76 -15.30
CA ASP A 210 21.01 16.83 -16.19
C ASP A 210 22.21 16.30 -15.41
N ASN A 211 23.05 15.52 -16.09
CA ASN A 211 24.16 14.86 -15.41
C ASN A 211 25.15 15.83 -14.79
N LEU A 212 25.04 17.12 -15.08
CA LEU A 212 25.96 18.12 -14.55
C LEU A 212 25.28 19.34 -13.96
N THR A 213 23.95 19.36 -13.85
CA THR A 213 23.23 20.50 -13.30
C THR A 213 22.31 20.00 -12.20
N TYR A 214 22.46 20.57 -11.01
CA TYR A 214 21.72 20.11 -9.84
C TYR A 214 21.20 21.31 -9.06
N VAL A 215 20.17 21.06 -8.26
CA VAL A 215 19.57 22.07 -7.40
C VAL A 215 19.57 21.53 -5.98
N GLN A 216 20.02 22.34 -5.02
CA GLN A 216 19.96 21.93 -3.64
C GLN A 216 18.51 21.70 -3.25
N LEU A 217 18.23 20.52 -2.69
CA LEU A 217 16.87 20.12 -2.43
C LEU A 217 16.45 20.55 -1.03
N GLU A 218 15.28 21.19 -0.94
CA GLU A 218 14.68 21.53 0.33
CA GLU A 218 14.67 21.54 0.33
C GLU A 218 13.37 20.75 0.50
N SER A 219 12.97 20.57 1.75
CA SER A 219 11.78 19.77 2.04
C SER A 219 10.52 20.38 1.45
N ARG A 220 10.47 21.72 1.35
CA ARG A 220 9.26 22.41 0.92
C ARG A 220 9.03 22.34 -0.58
N PHE A 221 9.97 21.76 -1.34
CA PHE A 221 9.82 21.70 -2.79
C PHE A 221 8.87 20.57 -3.16
N THR A 222 7.80 20.91 -3.85
CA THR A 222 6.84 19.92 -4.31
C THR A 222 7.30 19.29 -5.62
N PRO A 223 6.77 18.12 -5.98
CA PRO A 223 7.08 17.56 -7.31
C PRO A 223 6.79 18.54 -8.44
N GLN A 224 5.62 19.20 -8.41
CA GLN A 224 5.27 20.14 -9.46
C GLN A 224 6.27 21.29 -9.53
N PHE A 225 6.73 21.77 -8.37
CA PHE A 225 7.73 22.83 -8.38
C PHE A 225 9.04 22.36 -8.99
N LEU A 226 9.45 21.13 -8.68
CA LEU A 226 10.71 20.62 -9.24
C LEU A 226 10.63 20.50 -10.75
N LEU A 227 9.46 20.12 -11.27
CA LEU A 227 9.31 19.98 -12.72
C LEU A 227 9.27 21.33 -13.42
N GLN A 228 8.70 22.35 -12.78
CA GLN A 228 8.77 23.70 -13.36
C GLN A 228 10.17 24.29 -13.23
N LEU A 229 10.83 24.02 -12.11
CA LEU A 229 12.22 24.43 -11.94
C LEU A 229 13.11 23.83 -13.01
N ASN A 230 12.91 22.54 -13.31
CA ASN A 230 13.69 21.89 -14.35
C ASN A 230 13.46 22.54 -15.71
N GLU A 231 12.19 22.80 -16.05
CA GLU A 231 11.88 23.30 -17.38
C GLU A 231 12.40 24.71 -17.60
N THR A 232 12.32 25.57 -16.58
CA THR A 232 12.81 26.93 -16.75
C THR A 232 14.34 26.97 -16.78
N ILE A 233 15.01 26.00 -16.16
CA ILE A 233 16.47 25.92 -16.28
C ILE A 233 16.86 25.52 -17.70
N TYR A 234 16.17 24.53 -18.27
CA TYR A 234 16.46 24.09 -19.63
C TYR A 234 16.24 25.21 -20.64
N THR A 235 15.15 25.96 -20.49
CA THR A 235 14.77 26.94 -21.49
C THR A 235 15.53 28.26 -21.32
N SER A 236 15.88 28.64 -20.09
CA SER A 236 16.68 29.84 -19.88
C SER A 236 18.17 29.55 -19.91
N GLY A 237 18.58 28.38 -20.39
CA GLY A 237 19.98 28.07 -20.59
C GLY A 237 20.84 28.07 -19.35
N LYS A 238 20.25 27.87 -18.18
CA LYS A 238 21.02 27.85 -16.94
C LYS A 238 21.57 26.46 -16.61
N ARG A 239 21.62 25.58 -17.61
CA ARG A 239 22.35 24.32 -17.49
C ARG A 239 23.85 24.57 -17.62
N SER A 240 24.63 23.62 -17.12
CA SER A 240 26.08 23.70 -17.20
C SER A 240 26.52 23.59 -18.66
N ASN A 241 27.29 24.58 -19.13
CA ASN A 241 27.92 24.50 -20.43
C ASN A 241 29.42 24.24 -20.32
N THR A 242 29.86 23.72 -19.18
CA THR A 242 31.22 23.24 -18.97
C THR A 242 31.19 21.74 -18.69
N THR A 243 32.37 21.18 -18.47
CA THR A 243 32.50 19.79 -18.04
C THR A 243 32.26 19.62 -16.54
N GLY A 244 32.16 20.72 -15.79
CA GLY A 244 32.03 20.66 -14.35
C GLY A 244 30.58 20.58 -13.88
N LYS A 245 30.43 20.44 -12.56
CA LYS A 245 29.15 20.19 -11.92
C LYS A 245 28.61 21.50 -11.35
N LEU A 246 27.47 21.94 -11.88
CA LEU A 246 26.84 23.18 -11.46
C LEU A 246 25.72 22.88 -10.48
N ILE A 247 25.75 23.55 -9.33
CA ILE A 247 24.76 23.34 -8.27
C ILE A 247 24.13 24.69 -7.95
N TRP A 248 22.81 24.78 -8.10
CA TRP A 248 22.07 25.99 -7.82
C TRP A 248 21.43 25.93 -6.44
N LYS A 249 21.33 27.08 -5.79
CA LYS A 249 20.52 27.24 -4.58
C LYS A 249 19.35 28.16 -4.89
N VAL A 250 18.29 28.02 -4.11
CA VAL A 250 17.01 28.66 -4.42
C VAL A 250 16.34 29.07 -3.12
N ASN A 251 15.80 30.30 -3.07
CA ASN A 251 15.18 30.72 -1.82
C ASN A 251 13.91 31.56 -1.99
N PRO A 252 12.85 31.06 -2.66
CA PRO A 252 11.66 31.89 -2.91
C PRO A 252 10.56 31.70 -1.87
N GLU A 260 0.63 22.81 4.80
CA GLU A 260 -0.56 22.35 5.51
C GLU A 260 -1.63 21.84 4.54
N TRP A 261 -1.26 21.76 3.26
CA TRP A 261 -2.18 21.39 2.19
C TRP A 261 -1.74 20.06 1.59
N ALA A 262 -2.64 19.08 1.63
CA ALA A 262 -2.39 17.76 1.07
C ALA A 262 -2.58 17.77 -0.44
N PHE A 263 -1.97 16.78 -1.11
CA PHE A 263 -1.95 16.79 -2.57
C PHE A 263 -3.36 16.70 -3.17
N TRP A 264 -4.28 16.02 -2.51
CA TRP A 264 -5.62 15.85 -3.07
C TRP A 264 -6.50 17.08 -2.88
N GLU A 265 -5.98 18.14 -2.28
CA GLU A 265 -6.75 19.35 -2.02
C GLU A 265 -5.96 20.59 -2.43
N UNK A 324 31.60 24.86 -7.76
CA UNK A 324 30.72 25.65 -8.61
C UNK A 324 29.26 25.65 -8.12
N UNK A 325 28.98 26.41 -7.05
CA UNK A 325 27.61 26.62 -6.59
C UNK A 325 27.06 27.93 -7.17
N UNK A 326 25.92 28.40 -6.67
CA UNK A 326 25.31 29.64 -7.18
C UNK A 326 24.02 30.01 -6.43
N UNK A 327 23.09 30.68 -7.12
CA UNK A 327 21.83 31.11 -6.53
C UNK A 327 20.85 31.58 -7.61
N UNK A 328 19.55 31.53 -7.30
CA UNK A 328 18.52 32.00 -8.22
C UNK A 328 17.36 32.59 -7.43
N UNK A 329 16.73 33.64 -7.97
CA UNK A 329 15.66 34.32 -7.27
C UNK A 329 14.72 35.02 -8.25
N GLU B 1 -15.29 -4.07 17.21
CA GLU B 1 -15.09 -2.77 17.85
C GLU B 1 -15.13 -1.68 16.79
N ALA B 2 -15.52 -0.48 17.21
CA ALA B 2 -15.66 0.60 16.25
C ALA B 2 -14.30 1.09 15.77
N ILE B 3 -14.31 1.76 14.62
CA ILE B 3 -13.09 2.26 13.99
C ILE B 3 -13.12 3.78 14.01
N VAL B 4 -12.12 4.37 14.68
CA VAL B 4 -12.02 5.80 14.93
C VAL B 4 -10.80 6.31 14.17
N ASN B 5 -11.00 6.97 13.02
CA ASN B 5 -9.86 7.48 12.27
C ASN B 5 -9.09 8.53 13.07
N ALA B 6 -7.87 8.21 13.50
CA ALA B 6 -7.05 9.09 14.31
C ALA B 6 -5.85 9.65 13.54
N GLN B 7 -5.93 9.68 12.22
CA GLN B 7 -4.84 10.15 11.38
C GLN B 7 -4.84 11.68 11.28
N PRO B 8 -3.69 12.28 10.98
CA PRO B 8 -3.68 13.75 10.87
C PRO B 8 -4.57 14.24 9.73
N LYS B 9 -4.66 13.48 8.65
CA LYS B 9 -5.54 13.82 7.54
C LYS B 9 -6.20 12.54 7.02
N CYS B 10 -7.19 12.72 6.16
CA CYS B 10 -7.83 11.60 5.46
C CYS B 10 -8.15 12.05 4.05
N ASN B 11 -7.59 11.36 3.07
CA ASN B 11 -8.04 11.54 1.69
C ASN B 11 -9.39 10.84 1.58
N PRO B 12 -10.50 11.57 1.44
CA PRO B 12 -11.82 10.92 1.51
C PRO B 12 -12.18 10.11 0.27
N ASN B 13 -11.38 10.17 -0.79
CA ASN B 13 -11.66 9.44 -2.02
C ASN B 13 -10.57 8.39 -2.25
N LEU B 14 -10.99 7.22 -2.70
CA LEU B 14 -10.10 6.10 -2.93
C LEU B 14 -10.10 5.82 -4.44
N HIS B 15 -9.09 6.33 -5.12
CA HIS B 15 -8.84 5.92 -6.50
C HIS B 15 -8.01 4.65 -6.47
N TYR B 16 -8.62 3.52 -6.79
CA TYR B 16 -7.96 2.24 -6.57
C TYR B 16 -7.64 1.53 -7.89
N TRP B 17 -6.70 0.60 -7.80
CA TRP B 17 -6.40 -0.33 -8.87
C TRP B 17 -6.49 -1.75 -8.33
N THR B 18 -6.89 -2.68 -9.21
CA THR B 18 -6.92 -4.10 -8.88
C THR B 18 -6.88 -4.90 -10.18
N THR B 19 -7.03 -6.21 -10.07
CA THR B 19 -7.15 -7.11 -11.21
C THR B 19 -8.57 -7.66 -11.23
N GLN B 20 -9.05 -8.08 -12.40
N GLN B 20 -8.95 -8.21 -12.38
CA GLN B 20 -10.45 -8.48 -12.48
CA GLN B 20 -10.21 -8.94 -12.55
C GLN B 20 -10.58 -10.00 -12.39
C GLN B 20 -9.89 -10.35 -13.03
N ASP B 21 -11.37 -10.44 -11.44
N ASP B 21 -9.95 -11.32 -12.12
CA ASP B 21 -11.95 -11.77 -11.42
CA ASP B 21 -9.72 -12.71 -12.51
C ASP B 21 -13.39 -11.65 -11.90
C ASP B 21 -10.84 -13.22 -13.40
N GLU B 22 -13.71 -12.34 -12.98
N GLU B 22 -12.09 -12.76 -13.17
CA GLU B 22 -12.85 -13.32 -13.65
CA GLU B 22 -13.22 -13.22 -13.97
C GLU B 22 -12.07 -12.78 -14.83
C GLU B 22 -12.99 -13.00 -15.45
N GLY B 23 -12.79 -12.13 -15.74
N GLY B 23 -12.35 -11.89 -15.81
CA GLY B 23 -12.18 -11.62 -16.95
CA GLY B 23 -11.94 -11.63 -17.17
C GLY B 23 -13.11 -11.67 -18.14
C GLY B 23 -13.05 -11.67 -18.20
N ALA B 24 -13.44 -12.89 -18.59
CA ALA B 24 -14.36 -13.11 -19.72
C ALA B 24 -13.90 -12.32 -20.94
N ALA B 25 -12.69 -12.65 -21.39
CA ALA B 25 -11.94 -11.80 -22.30
C ALA B 25 -12.56 -11.78 -23.69
N ILE B 26 -12.20 -10.74 -24.45
CA ILE B 26 -12.61 -10.61 -25.85
C ILE B 26 -11.71 -11.50 -26.69
N GLY B 27 -12.33 -12.36 -27.50
CA GLY B 27 -11.61 -13.26 -28.38
C GLY B 27 -10.48 -14.00 -27.70
N LEU B 28 -9.26 -13.73 -28.15
CA LEU B 28 -8.08 -14.47 -27.74
C LEU B 28 -7.22 -13.73 -26.72
N ALA B 29 -7.72 -12.67 -26.09
CA ALA B 29 -6.89 -11.89 -25.18
C ALA B 29 -6.55 -12.63 -23.88
N TRP B 30 -7.19 -13.77 -23.61
CA TRP B 30 -6.86 -14.56 -22.44
C TRP B 30 -5.60 -15.41 -22.62
N ILE B 31 -5.22 -15.69 -23.87
CA ILE B 31 -4.02 -16.45 -24.17
C ILE B 31 -2.81 -15.64 -23.72
N PRO B 32 -1.96 -16.16 -22.83
CA PRO B 32 -0.81 -15.36 -22.37
C PRO B 32 0.03 -14.78 -23.50
N TYR B 33 0.29 -15.58 -24.55
CA TYR B 33 1.09 -15.13 -25.69
C TYR B 33 0.52 -13.85 -26.31
N PHE B 34 -0.80 -13.74 -26.37
CA PHE B 34 -1.45 -12.60 -27.03
C PHE B 34 -1.91 -11.51 -26.07
N GLY B 35 -2.10 -11.82 -24.78
CA GLY B 35 -2.74 -10.92 -23.86
C GLY B 35 -1.86 -9.76 -23.42
N PRO B 36 -2.33 -8.98 -22.45
CA PRO B 36 -1.58 -7.79 -22.03
C PRO B 36 -0.29 -8.13 -21.31
N ALA B 37 0.66 -7.21 -21.39
CA ALA B 37 1.86 -7.28 -20.59
C ALA B 37 1.52 -7.02 -19.12
N ALA B 38 2.53 -7.17 -18.27
CA ALA B 38 2.33 -6.97 -16.83
C ALA B 38 1.73 -5.61 -16.50
N GLU B 39 2.05 -4.58 -17.29
CA GLU B 39 1.55 -3.23 -17.00
C GLU B 39 0.08 -3.05 -17.32
N GLY B 40 -0.52 -3.94 -18.11
CA GLY B 40 -1.85 -3.70 -18.60
C GLY B 40 -2.92 -4.67 -18.12
N ILE B 41 -2.70 -5.28 -16.96
CA ILE B 41 -3.67 -6.22 -16.38
C ILE B 41 -4.58 -5.55 -15.37
N TYR B 42 -4.48 -4.25 -15.18
CA TYR B 42 -5.16 -3.59 -14.08
C TYR B 42 -6.45 -2.92 -14.55
N ILE B 43 -7.49 -3.05 -13.73
CA ILE B 43 -8.66 -2.20 -13.83
C ILE B 43 -8.56 -1.11 -12.76
N GLU B 44 -9.49 -0.16 -12.80
CA GLU B 44 -9.46 0.95 -11.85
C GLU B 44 -10.89 1.33 -11.47
N GLY B 45 -10.98 2.05 -10.37
CA GLY B 45 -12.28 2.53 -9.90
C GLY B 45 -12.05 3.63 -8.90
N LEU B 46 -13.15 4.30 -8.56
CA LEU B 46 -13.13 5.44 -7.65
C LEU B 46 -14.26 5.27 -6.65
N MET B 47 -13.92 5.30 -5.36
CA MET B 47 -14.91 5.19 -4.30
C MET B 47 -14.85 6.42 -3.41
N HIS B 48 -16.02 7.00 -3.11
CA HIS B 48 -16.11 8.15 -2.24
C HIS B 48 -16.48 7.73 -0.83
N ASN B 49 -16.49 8.71 0.07
CA ASN B 49 -16.55 8.45 1.52
C ASN B 49 -17.97 8.27 2.04
N GLN B 50 -18.86 7.65 1.27
CA GLN B 50 -20.18 7.34 1.80
CA GLN B 50 -20.18 7.33 1.80
C GLN B 50 -20.05 6.49 3.06
N ASP B 51 -20.89 6.79 4.06
CA ASP B 51 -20.85 6.12 5.35
C ASP B 51 -19.47 6.19 6.02
N GLY B 52 -18.61 7.10 5.57
CA GLY B 52 -17.29 7.23 6.15
C GLY B 52 -16.41 6.02 5.96
N LEU B 53 -16.67 5.23 4.91
CA LEU B 53 -15.98 3.95 4.75
C LEU B 53 -14.53 4.13 4.32
N ILE B 54 -14.18 5.19 3.59
CA ILE B 54 -12.80 5.35 3.12
C ILE B 54 -11.88 5.74 4.28
N CYS B 55 -12.28 6.75 5.06
CA CYS B 55 -11.49 7.11 6.24
C CYS B 55 -11.49 5.98 7.26
N GLY B 56 -12.61 5.27 7.40
CA GLY B 56 -12.61 4.08 8.23
C GLY B 56 -11.59 3.05 7.78
N LEU B 57 -11.53 2.81 6.46
CA LEU B 57 -10.62 1.82 5.92
C LEU B 57 -9.16 2.23 6.11
N ARG B 58 -8.84 3.52 5.92
CA ARG B 58 -7.48 3.98 6.18
C ARG B 58 -7.10 3.71 7.62
N GLN B 59 -8.00 4.01 8.56
CA GLN B 59 -7.74 3.73 9.96
C GLN B 59 -7.61 2.23 10.21
N LEU B 60 -8.46 1.43 9.55
CA LEU B 60 -8.42 -0.01 9.77
C LEU B 60 -7.09 -0.60 9.32
N ALA B 61 -6.60 -0.20 8.14
CA ALA B 61 -5.31 -0.70 7.67
C ALA B 61 -4.20 -0.29 8.62
N ASN B 62 -4.24 0.95 9.10
CA ASN B 62 -3.28 1.40 10.11
C ASN B 62 -3.31 0.48 11.33
N GLU B 63 -4.50 0.25 11.88
CA GLU B 63 -4.65 -0.55 13.10
C GLU B 63 -4.35 -2.02 12.89
N THR B 64 -4.40 -2.50 11.65
CA THR B 64 -4.12 -3.90 11.34
C THR B 64 -2.62 -4.21 11.43
N THR B 65 -1.77 -3.19 11.31
CA THR B 65 -0.35 -3.44 11.03
C THR B 65 0.32 -4.22 12.14
N GLN B 66 0.05 -3.87 13.40
CA GLN B 66 0.72 -4.55 14.50
C GLN B 66 0.46 -6.06 14.46
N ALA B 67 -0.82 -6.47 14.47
CA ALA B 67 -1.12 -7.89 14.44
C ALA B 67 -0.57 -8.54 13.17
N LEU B 68 -0.65 -7.85 12.04
CA LEU B 68 -0.11 -8.42 10.81
C LEU B 68 1.42 -8.59 10.90
N GLN B 69 2.11 -7.58 11.45
CA GLN B 69 3.56 -7.67 11.64
C GLN B 69 3.94 -8.79 12.60
N LEU B 70 3.18 -8.95 13.69
CA LEU B 70 3.49 -10.04 14.62
C LEU B 70 3.25 -11.39 13.97
N PHE B 71 2.24 -11.49 13.10
CA PHE B 71 2.01 -12.73 12.38
C PHE B 71 3.18 -13.05 11.46
N LEU B 72 3.65 -12.05 10.69
CA LEU B 72 4.75 -12.28 9.74
C LEU B 72 6.07 -12.61 10.44
N ARG B 73 6.28 -12.05 11.64
CA ARG B 73 7.47 -12.41 12.42
C ARG B 73 7.48 -13.87 12.80
N ALA B 74 6.31 -14.47 13.03
CA ALA B 74 6.24 -15.82 13.56
C ALA B 74 6.14 -16.88 12.49
N THR B 75 5.88 -16.50 11.25
CA THR B 75 5.82 -17.47 10.16
C THR B 75 7.20 -17.61 9.55
N THR B 76 7.53 -18.83 9.16
CA THR B 76 8.77 -19.11 8.43
C THR B 76 8.53 -19.07 6.93
N GLU B 77 7.30 -18.80 6.51
CA GLU B 77 6.96 -18.71 5.10
C GLU B 77 7.44 -17.38 4.55
N LEU B 78 8.13 -17.42 3.41
CA LEU B 78 8.74 -16.21 2.87
C LEU B 78 7.69 -15.26 2.30
N ARG B 79 6.70 -15.79 1.60
CA ARG B 79 5.63 -15.00 1.02
C ARG B 79 4.32 -15.62 1.46
N THR B 80 3.48 -14.84 2.13
CA THR B 80 2.24 -15.36 2.71
C THR B 80 1.07 -14.99 1.81
N PHE B 81 0.41 -16.02 1.26
CA PHE B 81 -0.78 -15.84 0.44
C PHE B 81 -2.04 -16.41 1.08
N SER B 82 -1.96 -16.97 2.28
CA SER B 82 -3.06 -17.78 2.80
C SER B 82 -3.92 -17.07 3.86
N ILE B 83 -3.76 -15.78 4.08
CA ILE B 83 -4.45 -15.16 5.20
C ILE B 83 -5.96 -15.17 4.99
N LEU B 84 -6.42 -14.88 3.77
CA LEU B 84 -7.86 -14.77 3.54
C LEU B 84 -8.53 -16.14 3.56
N ASN B 85 -7.88 -17.15 3.00
CA ASN B 85 -8.40 -18.51 3.08
C ASN B 85 -8.48 -19.01 4.52
N ARG B 86 -7.46 -18.72 5.32
CA ARG B 86 -7.52 -19.12 6.71
C ARG B 86 -8.63 -18.39 7.44
N LYS B 87 -8.90 -17.14 7.08
CA LYS B 87 -10.03 -16.45 7.71
C LYS B 87 -11.35 -17.07 7.28
N ALA B 88 -11.45 -17.52 6.03
CA ALA B 88 -12.64 -18.22 5.61
C ALA B 88 -12.83 -19.51 6.38
N ILE B 89 -11.74 -20.26 6.59
CA ILE B 89 -11.84 -21.49 7.39
C ILE B 89 -12.28 -21.17 8.81
N ASP B 90 -11.72 -20.12 9.40
CA ASP B 90 -12.08 -19.78 10.77
C ASP B 90 -13.53 -19.28 10.87
N PHE B 91 -14.02 -18.59 9.83
CA PHE B 91 -15.43 -18.24 9.75
C PHE B 91 -16.31 -19.49 9.88
N LEU B 92 -15.96 -20.55 9.16
CA LEU B 92 -16.74 -21.78 9.19
C LEU B 92 -16.59 -22.52 10.52
N LEU B 93 -15.37 -22.55 11.06
CA LEU B 93 -15.15 -23.29 12.30
C LEU B 93 -15.89 -22.65 13.47
N GLN B 94 -15.96 -21.31 13.48
CA GLN B 94 -16.67 -20.64 14.56
C GLN B 94 -18.13 -21.04 14.61
N ARG B 95 -18.75 -21.28 13.45
CA ARG B 95 -20.16 -21.65 13.39
C ARG B 95 -20.38 -23.16 13.36
N TRP B 96 -19.49 -23.92 12.73
CA TRP B 96 -19.77 -25.33 12.46
C TRP B 96 -18.69 -26.24 13.04
N GLY B 97 -17.76 -25.72 13.83
CA GLY B 97 -16.72 -26.54 14.38
C GLY B 97 -17.12 -27.38 15.55
N GLY B 98 -18.38 -27.29 15.97
CA GLY B 98 -18.90 -28.14 17.03
C GLY B 98 -20.33 -28.54 16.69
N THR B 99 -20.95 -29.27 17.61
CA THR B 99 -22.35 -29.62 17.45
C THR B 99 -23.20 -28.34 17.44
N CYS B 100 -24.13 -28.26 16.49
CA CYS B 100 -24.99 -27.08 16.38
C CYS B 100 -26.25 -27.31 17.23
N HIS B 101 -26.31 -26.66 18.39
CA HIS B 101 -27.45 -26.78 19.29
C HIS B 101 -28.54 -25.80 18.83
N ILE B 102 -29.61 -26.33 18.22
CA ILE B 102 -30.63 -25.46 17.66
C ILE B 102 -31.27 -24.63 18.77
N LEU B 103 -31.50 -23.36 18.47
CA LEU B 103 -31.97 -22.27 19.32
C LEU B 103 -30.83 -21.69 20.16
N GLY B 104 -29.67 -22.35 20.24
CA GLY B 104 -28.54 -21.81 20.94
C GLY B 104 -27.89 -20.66 20.20
N PRO B 105 -27.29 -19.72 20.94
CA PRO B 105 -26.74 -18.52 20.30
C PRO B 105 -25.60 -18.79 19.33
N ASP B 106 -24.86 -19.89 19.51
CA ASP B 106 -23.71 -20.20 18.66
C ASP B 106 -24.07 -21.11 17.48
N CYS B 107 -25.36 -21.28 17.19
CA CYS B 107 -25.83 -22.17 16.13
C CYS B 107 -26.65 -21.34 15.15
N CYS B 108 -26.15 -21.17 13.93
CA CYS B 108 -26.82 -20.39 12.89
C CYS B 108 -27.76 -21.25 12.06
N ILE B 109 -28.65 -22.00 12.72
CA ILE B 109 -29.72 -22.74 12.06
C ILE B 109 -31.03 -22.07 12.44
N GLU B 110 -31.79 -21.63 11.42
CA GLU B 110 -33.07 -20.97 11.63
C GLU B 110 -34.21 -21.95 11.41
N PRO B 111 -34.92 -22.38 12.44
CA PRO B 111 -36.01 -23.35 12.24
C PRO B 111 -37.38 -22.71 12.09
N ALA B 112 -37.43 -21.41 11.79
CA ALA B 112 -38.71 -20.68 11.81
C ALA B 112 -39.71 -21.27 10.84
N ASP B 113 -39.36 -21.31 9.55
CA ASP B 113 -40.30 -21.80 8.55
C ASP B 113 -40.74 -23.22 8.83
N TRP B 114 -39.86 -24.04 9.39
CA TRP B 114 -40.26 -25.41 9.72
C TRP B 114 -41.09 -25.46 11.00
N THR B 115 -40.85 -24.56 11.96
CA THR B 115 -41.73 -24.49 13.12
C THR B 115 -43.17 -24.21 12.69
N LYS B 116 -43.36 -23.25 11.78
CA LYS B 116 -44.66 -22.98 11.19
C LYS B 116 -45.19 -24.15 10.38
N ASN B 117 -44.29 -24.99 9.83
CA ASN B 117 -44.71 -26.21 9.14
C ASN B 117 -45.32 -27.20 10.11
N ILE B 118 -44.54 -27.60 11.13
CA ILE B 118 -45.04 -28.52 12.15
C ILE B 118 -46.29 -27.95 12.80
N THR B 119 -46.35 -26.62 12.98
CA THR B 119 -47.48 -25.99 13.65
C THR B 119 -48.76 -26.17 12.83
N ASP B 120 -48.69 -25.96 11.52
CA ASP B 120 -49.87 -26.13 10.69
C ASP B 120 -50.31 -27.59 10.60
N LYS B 121 -49.35 -28.52 10.64
CA LYS B 121 -49.71 -29.93 10.67
C LYS B 121 -50.42 -30.29 11.97
N ILE B 122 -50.03 -29.64 13.08
CA ILE B 122 -50.68 -29.89 14.35
C ILE B 122 -52.09 -29.30 14.39
N ASP B 123 -52.26 -28.10 13.81
CA ASP B 123 -53.60 -27.50 13.70
C ASP B 123 -54.55 -28.41 12.94
N GLN B 124 -54.06 -29.07 11.88
CA GLN B 124 -54.85 -30.05 11.14
C GLN B 124 -55.23 -31.24 12.03
N ILE B 125 -54.23 -31.98 12.50
CA ILE B 125 -54.45 -33.14 13.36
C ILE B 125 -55.28 -32.81 14.60
#